data_5UQD
#
_entry.id   5UQD
#
_cell.length_a   87.625
_cell.length_b   97.883
_cell.length_c   98.838
_cell.angle_alpha   90.00
_cell.angle_beta   90.00
_cell.angle_gamma   90.00
#
_symmetry.space_group_name_H-M   'C 2 2 21'
#
loop_
_entity.id
_entity.type
_entity.pdbx_description
1 polymer 'DumPY: shorter than wild-type'
2 non-polymer '2-OXOGLUTARIC ACID'
3 non-polymer 'FE (II) ION'
4 non-polymer 2-(2-METHOXYETHOXY)ETHANOL
5 water water
#
_entity_poly.entity_id   1
_entity_poly.type   'polypeptide(L)'
_entity_poly.pdbx_seq_one_letter_code
;MKSSWSHPQFEKGAMTGWSHPQFEKENLYFQSNATMRITNRNLKMLTRQFDLPKMSSRFRKFVRIRRHPNGMATIISCDY
NQIKQHLGPNEMKHFERQFVRLGFAENNGVPLFAIGVMENAAEALHDQFEWLAKNSPNTQVKVGSLTNKQFIETMPMKKY
YESAMETLDMGTFRFGPLMSLSMVGTKNEEAGGNFKEMLDALNAAPFLGPIMPWGDFSEVQGIKEDTSDDGPIFWVRPGE
QMVPTDGKNRSTEPRHPLATRGNDRRETAFNDRTNAHADQVRESTEDDPTTTTTTTTTTSSSSSSSKSKKSAKSDPTFVK
STAAVGVLQGIRNPDANDDDEYYEDERKAVKEVIVFDAHDLHKVAHHLAMDLYEPPVSQCHRWVDDAILNTMRREGIRYA
KLELHENDMYFLPRNVIHQFRTVSACSSVAWHVRLRHYYDVD
;
_entity_poly.pdbx_strand_id   A
#
loop_
_chem_comp.id
_chem_comp.type
_chem_comp.name
_chem_comp.formula
AKG non-polymer '2-OXOGLUTARIC ACID' 'C5 H6 O5'
FE2 non-polymer 'FE (II) ION' 'Fe 2'
PG0 non-polymer 2-(2-METHOXYETHOXY)ETHANOL 'C5 H12 O3'
#
# COMPACT_ATOMS: atom_id res chain seq x y z
N ASN A 33 0.70 -23.06 -13.85
CA ASN A 33 1.88 -23.58 -14.53
C ASN A 33 2.76 -22.42 -14.97
N ALA A 34 2.21 -21.54 -15.82
CA ALA A 34 3.00 -20.44 -16.35
C ALA A 34 3.45 -19.50 -15.22
N THR A 35 2.57 -19.23 -14.26
CA THR A 35 2.94 -18.40 -13.12
C THR A 35 4.10 -19.01 -12.33
N MET A 36 4.04 -20.32 -12.08
CA MET A 36 5.10 -20.97 -11.35
C MET A 36 6.38 -20.98 -12.16
N ARG A 37 6.28 -21.25 -13.46
CA ARG A 37 7.49 -21.21 -14.31
C ARG A 37 8.17 -19.84 -14.25
N ILE A 38 7.38 -18.76 -14.32
CA ILE A 38 7.92 -17.39 -14.32
C ILE A 38 8.50 -17.05 -12.95
N THR A 39 7.78 -17.40 -11.88
CA THR A 39 8.34 -17.22 -10.54
C THR A 39 9.66 -17.96 -10.38
N ASN A 40 9.72 -19.23 -10.82
CA ASN A 40 10.96 -19.99 -10.68
C ASN A 40 12.09 -19.36 -11.48
N ARG A 41 11.78 -18.88 -12.70
CA ARG A 41 12.77 -18.20 -13.53
C ARG A 41 13.38 -17.00 -12.81
N ASN A 42 12.51 -16.16 -12.27
CA ASN A 42 12.94 -14.98 -11.52
C ASN A 42 13.70 -15.34 -10.25
N LEU A 43 13.24 -16.35 -9.50
CA LEU A 43 14.00 -16.78 -8.33
C LEU A 43 15.40 -17.25 -8.72
N LYS A 44 15.50 -18.01 -9.81
CA LYS A 44 16.80 -18.49 -10.26
C LYS A 44 17.71 -17.32 -10.62
N MET A 45 17.15 -16.31 -11.30
CA MET A 45 17.96 -15.15 -11.70
CA MET A 45 17.93 -15.15 -11.71
C MET A 45 18.42 -14.35 -10.50
N LEU A 46 17.58 -14.22 -9.48
CA LEU A 46 17.96 -13.49 -8.29
C LEU A 46 19.01 -14.25 -7.49
N THR A 47 18.80 -15.56 -7.31
CA THR A 47 19.70 -16.38 -6.50
CA THR A 47 19.71 -16.34 -6.49
C THR A 47 21.09 -16.50 -7.12
N ARG A 48 21.22 -16.30 -8.45
CA ARG A 48 22.52 -16.30 -9.07
C ARG A 48 23.41 -15.19 -8.55
N GLN A 49 22.81 -14.14 -8.00
CA GLN A 49 23.53 -12.97 -7.51
C GLN A 49 23.39 -12.76 -6.01
N PHE A 50 22.21 -13.05 -5.45
CA PHE A 50 21.88 -12.70 -4.08
C PHE A 50 21.47 -13.94 -3.28
N ASP A 51 21.79 -13.90 -1.98
CA ASP A 51 21.41 -14.94 -1.03
C ASP A 51 20.00 -14.58 -0.53
N LEU A 52 18.96 -15.24 -1.06
CA LEU A 52 17.58 -14.99 -0.68
C LEU A 52 17.20 -15.80 0.55
N PRO A 53 16.30 -15.28 1.38
CA PRO A 53 15.69 -16.14 2.40
C PRO A 53 15.05 -17.35 1.74
N LYS A 54 15.04 -18.45 2.45
CA LYS A 54 14.56 -19.71 1.94
C LYS A 54 13.04 -19.85 2.11
N MET A 55 12.46 -20.72 1.30
CA MET A 55 11.04 -21.05 1.38
C MET A 55 10.85 -22.46 0.86
N SER A 56 9.98 -23.24 1.51
CA SER A 56 9.80 -24.62 1.11
C SER A 56 9.24 -24.71 -0.31
N SER A 57 9.41 -25.89 -0.91
CA SER A 57 8.84 -26.13 -2.23
C SER A 57 7.32 -25.98 -2.21
N ARG A 58 6.68 -26.50 -1.17
CA ARG A 58 5.22 -26.43 -1.08
C ARG A 58 4.72 -24.99 -0.99
N PHE A 59 5.48 -24.11 -0.33
CA PHE A 59 5.06 -22.71 -0.23
C PHE A 59 5.39 -21.94 -1.49
N ARG A 60 6.50 -22.29 -2.16
CA ARG A 60 6.95 -21.54 -3.32
C ARG A 60 5.88 -21.50 -4.40
N LYS A 61 5.02 -22.52 -4.47
CA LYS A 61 4.03 -22.51 -5.53
C LYS A 61 2.93 -21.47 -5.33
N PHE A 62 2.85 -20.87 -4.15
CA PHE A 62 1.88 -19.81 -3.90
C PHE A 62 2.45 -18.42 -4.13
N VAL A 63 3.69 -18.32 -4.48
CA VAL A 63 4.36 -17.04 -4.60
C VAL A 63 4.40 -16.67 -6.07
N ARG A 64 4.12 -15.40 -6.37
CA ARG A 64 4.16 -14.90 -7.74
C ARG A 64 5.23 -13.83 -7.78
N ILE A 65 6.29 -14.04 -8.55
CA ILE A 65 7.30 -13.01 -8.74
C ILE A 65 7.32 -12.68 -10.23
N ARG A 66 7.24 -11.40 -10.56
CA ARG A 66 7.33 -11.02 -11.98
C ARG A 66 8.01 -9.68 -12.09
N ARG A 67 8.68 -9.43 -13.23
CA ARG A 67 9.19 -8.10 -13.49
C ARG A 67 8.21 -7.32 -14.35
N HIS A 68 8.03 -6.07 -14.03
CA HIS A 68 7.12 -5.24 -14.82
C HIS A 68 7.64 -5.14 -16.26
N PRO A 69 6.80 -5.38 -17.29
CA PRO A 69 7.35 -5.45 -18.66
C PRO A 69 8.09 -4.17 -19.10
N ASN A 70 7.49 -3.00 -18.87
CA ASN A 70 8.08 -1.75 -19.36
C ASN A 70 9.11 -1.15 -18.41
N GLY A 71 8.93 -1.34 -17.10
CA GLY A 71 9.77 -0.76 -16.08
C GLY A 71 10.83 -1.64 -15.47
N MET A 72 10.61 -2.96 -15.48
CA MET A 72 11.52 -4.00 -15.06
C MET A 72 11.83 -4.09 -13.56
N ALA A 73 11.19 -3.28 -12.72
CA ALA A 73 11.29 -3.58 -11.29
C ALA A 73 10.49 -4.85 -10.98
N THR A 74 10.79 -5.48 -9.85
CA THR A 74 10.23 -6.80 -9.50
C THR A 74 9.14 -6.69 -8.44
N ILE A 75 8.01 -7.33 -8.71
CA ILE A 75 6.82 -7.33 -7.84
C ILE A 75 6.73 -8.73 -7.23
N ILE A 76 6.49 -8.82 -5.92
CA ILE A 76 6.24 -10.15 -5.36
C ILE A 76 4.84 -10.12 -4.80
N SER A 77 4.06 -11.17 -5.06
CA SER A 77 2.67 -11.18 -4.58
C SER A 77 2.25 -12.62 -4.27
N CYS A 78 1.08 -12.74 -3.63
CA CYS A 78 0.44 -14.01 -3.43
C CYS A 78 -1.05 -13.71 -3.34
N ASP A 79 -1.86 -14.77 -3.38
CA ASP A 79 -3.32 -14.61 -3.30
C ASP A 79 -3.80 -15.40 -2.08
N TYR A 80 -4.19 -14.67 -1.03
CA TYR A 80 -4.64 -15.32 0.20
C TYR A 80 -5.87 -16.18 -0.06
N ASN A 81 -6.72 -15.75 -1.00
CA ASN A 81 -7.93 -16.54 -1.31
C ASN A 81 -7.57 -17.91 -1.88
N GLN A 82 -6.45 -18.00 -2.57
CA GLN A 82 -5.98 -19.30 -3.05
C GLN A 82 -5.26 -20.08 -1.96
N ILE A 83 -4.37 -19.42 -1.20
CA ILE A 83 -3.60 -20.07 -0.15
C ILE A 83 -4.52 -20.73 0.89
N LYS A 84 -5.53 -20.01 1.33
CA LYS A 84 -6.37 -20.50 2.44
C LYS A 84 -7.14 -21.76 2.07
N GLN A 85 -7.22 -22.09 0.80
CA GLN A 85 -7.90 -23.29 0.35
C GLN A 85 -6.99 -24.51 0.39
N HIS A 86 -5.69 -24.33 0.55
CA HIS A 86 -4.74 -25.42 0.57
C HIS A 86 -3.99 -25.60 1.87
N LEU A 87 -3.84 -24.56 2.67
CA LEU A 87 -2.98 -24.63 3.86
C LEU A 87 -3.83 -24.49 5.10
N GLY A 88 -3.50 -25.28 6.13
CA GLY A 88 -4.17 -25.18 7.41
C GLY A 88 -3.71 -23.95 8.16
N PRO A 89 -4.34 -23.71 9.30
CA PRO A 89 -4.08 -22.44 10.00
C PRO A 89 -2.65 -22.29 10.49
N ASN A 90 -2.03 -23.36 11.01
CA ASN A 90 -0.62 -23.27 11.40
C ASN A 90 0.29 -23.14 10.19
N GLU A 91 -0.02 -23.89 9.12
CA GLU A 91 0.79 -23.79 7.93
C GLU A 91 0.69 -22.39 7.31
N MET A 92 -0.49 -21.79 7.39
CA MET A 92 -0.66 -20.46 6.79
C MET A 92 0.18 -19.43 7.52
N LYS A 93 0.29 -19.56 8.85
CA LYS A 93 1.10 -18.63 9.59
C LYS A 93 2.56 -18.76 9.18
N HIS A 94 3.01 -20.00 8.97
CA HIS A 94 4.38 -20.24 8.52
C HIS A 94 4.59 -19.63 7.14
N PHE A 95 3.66 -19.86 6.23
CA PHE A 95 3.74 -19.24 4.91
C PHE A 95 3.82 -17.72 5.02
N GLU A 96 2.96 -17.12 5.84
CA GLU A 96 2.87 -15.67 5.88
C GLU A 96 4.18 -15.07 6.36
N ARG A 97 4.81 -15.70 7.35
CA ARG A 97 6.08 -15.20 7.86
C ARG A 97 7.18 -15.33 6.82
N GLN A 98 7.27 -16.49 6.17
CA GLN A 98 8.27 -16.68 5.11
C GLN A 98 8.03 -15.74 3.94
N PHE A 99 6.76 -15.46 3.61
CA PHE A 99 6.47 -14.56 2.49
C PHE A 99 6.97 -13.16 2.80
N VAL A 100 6.66 -12.66 3.99
CA VAL A 100 7.11 -11.33 4.36
C VAL A 100 8.63 -11.26 4.42
N ARG A 101 9.28 -12.28 4.95
CA ARG A 101 10.75 -12.29 5.03
C ARG A 101 11.38 -12.23 3.63
N LEU A 102 10.80 -12.98 2.69
CA LEU A 102 11.30 -12.92 1.31
C LEU A 102 10.99 -11.58 0.66
N GLY A 103 9.80 -11.04 0.87
CA GLY A 103 9.46 -9.79 0.20
C GLY A 103 10.27 -8.60 0.67
N PHE A 104 10.79 -8.64 1.89
CA PHE A 104 11.66 -7.59 2.38
C PHE A 104 13.14 -7.90 2.17
N ALA A 105 13.46 -8.95 1.39
CA ALA A 105 14.87 -9.35 1.21
C ALA A 105 15.68 -8.20 0.62
N GLU A 106 16.91 -8.04 1.13
CA GLU A 106 17.85 -7.05 0.62
C GLU A 106 19.13 -7.71 0.18
N ASN A 107 19.87 -6.98 -0.67
CA ASN A 107 21.30 -7.23 -0.83
C ASN A 107 22.07 -5.94 -0.58
N ASN A 108 23.11 -5.99 0.25
CA ASN A 108 23.97 -4.83 0.49
C ASN A 108 23.15 -3.61 0.91
N GLY A 109 22.13 -3.84 1.74
CA GLY A 109 21.26 -2.79 2.22
C GLY A 109 20.21 -2.29 1.24
N VAL A 110 19.98 -2.98 0.12
CA VAL A 110 19.06 -2.51 -0.91
C VAL A 110 17.98 -3.55 -1.13
N PRO A 111 16.70 -3.22 -0.91
CA PRO A 111 15.62 -4.15 -1.21
C PRO A 111 15.62 -4.66 -2.63
N LEU A 112 15.40 -5.96 -2.77
CA LEU A 112 15.36 -6.57 -4.09
C LEU A 112 14.00 -6.39 -4.78
N PHE A 113 12.93 -6.27 -3.99
CA PHE A 113 11.57 -6.13 -4.53
C PHE A 113 11.08 -4.70 -4.36
N ALA A 114 10.29 -4.23 -5.32
CA ALA A 114 9.80 -2.86 -5.24
C ALA A 114 8.49 -2.77 -4.47
N ILE A 115 7.72 -3.86 -4.44
CA ILE A 115 6.46 -3.88 -3.67
C ILE A 115 6.09 -5.33 -3.44
N GLY A 116 5.45 -5.59 -2.31
CA GLY A 116 4.86 -6.90 -2.04
C GLY A 116 3.35 -6.73 -1.91
N VAL A 117 2.60 -7.64 -2.50
CA VAL A 117 1.14 -7.55 -2.46
C VAL A 117 0.58 -8.88 -1.98
N MET A 118 -0.31 -8.82 -0.98
CA MET A 118 -1.03 -9.99 -0.47
C MET A 118 -2.48 -9.81 -0.91
N GLU A 119 -2.80 -10.38 -2.06
CA GLU A 119 -4.11 -10.18 -2.64
C GLU A 119 -5.18 -10.84 -1.80
N ASN A 120 -6.27 -10.09 -1.59
CA ASN A 120 -7.43 -10.59 -0.88
C ASN A 120 -7.16 -10.81 0.62
N ALA A 121 -5.97 -10.49 1.15
CA ALA A 121 -5.64 -10.97 2.52
C ALA A 121 -6.50 -10.31 3.59
N ALA A 122 -7.00 -9.11 3.32
CA ALA A 122 -7.86 -8.35 4.25
C ALA A 122 -9.34 -8.66 4.09
N GLU A 123 -9.68 -9.70 3.33
CA GLU A 123 -11.07 -10.04 3.08
C GLU A 123 -11.85 -10.31 4.36
N ALA A 124 -11.24 -11.00 5.31
CA ALA A 124 -11.98 -11.29 6.51
C ALA A 124 -11.90 -10.21 7.57
N LEU A 125 -11.04 -9.20 7.37
CA LEU A 125 -10.91 -8.08 8.30
C LEU A 125 -12.23 -7.34 8.39
N HIS A 126 -12.65 -6.99 9.62
CA HIS A 126 -13.91 -6.27 9.79
C HIS A 126 -13.89 -4.93 9.02
N ASP A 127 -15.08 -4.40 8.75
CA ASP A 127 -15.18 -3.14 8.01
C ASP A 127 -14.69 -2.01 8.91
N GLN A 128 -13.51 -1.48 8.61
CA GLN A 128 -12.86 -0.55 9.54
C GLN A 128 -13.55 0.81 9.57
N PHE A 129 -13.97 1.28 8.39
CA PHE A 129 -14.67 2.56 8.29
C PHE A 129 -15.96 2.52 9.11
N GLU A 130 -16.75 1.44 8.96
CA GLU A 130 -17.96 1.29 9.75
C GLU A 130 -17.63 1.17 11.22
N TRP A 131 -16.54 0.45 11.56
CA TRP A 131 -16.17 0.32 12.98
C TRP A 131 -15.97 1.70 13.59
N LEU A 132 -15.21 2.57 12.91
CA LEU A 132 -14.97 3.92 13.46
C LEU A 132 -16.24 4.74 13.56
N ALA A 133 -17.12 4.63 12.55
CA ALA A 133 -18.39 5.35 12.57
C ALA A 133 -19.27 4.92 13.72
N LYS A 134 -19.24 3.64 14.06
CA LYS A 134 -20.12 3.20 15.15
C LYS A 134 -19.46 3.32 16.51
N ASN A 135 -18.13 3.15 16.59
CA ASN A 135 -17.49 3.05 17.90
C ASN A 135 -16.75 4.32 18.30
N SER A 136 -16.54 5.22 17.37
CA SER A 136 -15.91 6.50 17.68
C SER A 136 -16.61 7.60 16.92
N PRO A 137 -17.96 7.66 17.00
CA PRO A 137 -18.71 8.54 16.11
C PRO A 137 -18.45 10.02 16.33
N ASN A 138 -18.14 10.44 17.55
CA ASN A 138 -18.01 11.85 17.85
C ASN A 138 -16.60 12.37 17.61
N THR A 139 -15.66 11.51 17.20
CA THR A 139 -14.29 11.98 16.91
C THR A 139 -14.31 13.06 15.83
N GLN A 140 -13.66 14.19 16.11
CA GLN A 140 -13.64 15.31 15.16
C GLN A 140 -12.62 14.98 14.09
N VAL A 141 -13.08 14.94 12.84
CA VAL A 141 -12.22 14.55 11.71
C VAL A 141 -12.11 15.76 10.78
N LYS A 142 -11.01 15.80 10.01
CA LYS A 142 -10.77 16.86 9.05
C LYS A 142 -11.01 16.29 7.66
N VAL A 143 -11.74 17.04 6.84
CA VAL A 143 -12.23 16.55 5.56
C VAL A 143 -11.81 17.56 4.49
N GLY A 144 -11.19 17.06 3.39
CA GLY A 144 -10.81 17.95 2.31
C GLY A 144 -12.01 18.27 1.43
N SER A 145 -11.83 19.27 0.57
CA SER A 145 -12.83 19.68 -0.40
C SER A 145 -12.55 19.04 -1.76
N LEU A 146 -13.60 18.64 -2.48
CA LEU A 146 -13.41 18.18 -3.86
C LEU A 146 -13.09 19.29 -4.84
N THR A 147 -13.25 20.56 -4.46
CA THR A 147 -13.03 21.66 -5.39
C THR A 147 -12.00 22.69 -4.98
N ASN A 148 -11.66 22.82 -3.69
CA ASN A 148 -10.69 23.83 -3.28
C ASN A 148 -9.63 23.15 -2.46
N LYS A 149 -8.37 23.28 -2.88
CA LYS A 149 -7.28 22.68 -2.11
C LYS A 149 -7.14 23.32 -0.73
N GLN A 150 -7.54 24.58 -0.58
CA GLN A 150 -7.30 25.32 0.66
C GLN A 150 -8.40 25.13 1.71
N PHE A 151 -9.37 24.26 1.49
CA PHE A 151 -10.51 24.14 2.38
C PHE A 151 -10.37 22.88 3.22
N ILE A 152 -10.52 23.00 4.53
CA ILE A 152 -10.58 21.83 5.40
C ILE A 152 -11.83 21.96 6.25
N GLU A 153 -12.66 20.90 6.29
CA GLU A 153 -13.90 20.95 7.05
C GLU A 153 -13.80 20.01 8.23
N THR A 154 -14.17 20.46 9.42
CA THR A 154 -14.18 19.58 10.57
CA THR A 154 -14.18 19.55 10.55
C THR A 154 -15.62 19.16 10.85
N MET A 155 -15.80 17.88 11.17
CA MET A 155 -17.12 17.32 11.47
C MET A 155 -16.90 16.05 12.25
N PRO A 156 -17.94 15.54 12.95
CA PRO A 156 -17.84 14.22 13.58
C PRO A 156 -17.65 13.08 12.57
N MET A 157 -16.82 12.10 12.94
CA MET A 157 -16.66 10.89 12.15
C MET A 157 -18.00 10.32 11.66
N LYS A 158 -18.99 10.24 12.54
CA LYS A 158 -20.29 9.68 12.13
C LYS A 158 -20.88 10.47 10.96
N LYS A 159 -20.76 11.80 10.99
CA LYS A 159 -21.35 12.57 9.91
C LYS A 159 -20.55 12.40 8.64
N TYR A 160 -19.22 12.28 8.74
CA TYR A 160 -18.43 11.97 7.55
C TYR A 160 -18.86 10.64 6.92
N TYR A 161 -18.96 9.59 7.75
CA TYR A 161 -19.41 8.29 7.25
C TYR A 161 -20.79 8.38 6.59
N GLU A 162 -21.75 9.04 7.24
CA GLU A 162 -23.08 9.20 6.63
C GLU A 162 -22.99 9.95 5.31
N SER A 163 -22.16 10.99 5.27
CA SER A 163 -22.01 11.75 4.02
C SER A 163 -21.42 10.89 2.91
N ALA A 164 -20.42 10.08 3.23
CA ALA A 164 -19.84 9.19 2.20
C ALA A 164 -20.89 8.17 1.73
N MET A 165 -21.66 7.61 2.66
CA MET A 165 -22.65 6.60 2.27
C MET A 165 -23.72 7.22 1.40
N GLU A 166 -24.07 8.47 1.70
CA GLU A 166 -25.18 9.13 1.04
C GLU A 166 -24.88 9.43 -0.41
N THR A 167 -23.59 9.63 -0.75
CA THR A 167 -23.13 10.05 -2.07
C THR A 167 -22.38 8.94 -2.81
N LEU A 168 -22.35 7.73 -2.25
CA LEU A 168 -21.61 6.61 -2.83
C LEU A 168 -22.39 6.03 -4.02
N ASP A 169 -21.71 5.85 -5.16
CA ASP A 169 -22.43 5.35 -6.32
C ASP A 169 -21.40 4.87 -7.34
N MET A 170 -21.48 3.57 -7.68
CA MET A 170 -20.66 3.00 -8.77
C MET A 170 -19.17 3.24 -8.55
N GLY A 171 -18.70 2.99 -7.31
CA GLY A 171 -17.27 2.99 -7.02
C GLY A 171 -16.63 4.29 -6.55
N THR A 172 -17.34 5.41 -6.55
CA THR A 172 -16.80 6.61 -5.93
C THR A 172 -17.88 7.21 -5.06
N PHE A 173 -17.50 8.15 -4.16
CA PHE A 173 -18.54 8.93 -3.50
C PHE A 173 -18.23 10.39 -3.68
N ARG A 174 -19.28 11.20 -3.69
N ARG A 174 -19.29 11.21 -3.74
CA ARG A 174 -19.17 12.62 -4.01
CA ARG A 174 -19.12 12.64 -4.03
C ARG A 174 -19.03 13.42 -2.72
C ARG A 174 -19.01 13.41 -2.72
N PHE A 175 -17.90 13.20 -2.04
CA PHE A 175 -17.62 13.93 -0.80
C PHE A 175 -16.10 13.95 -0.64
N GLY A 176 -15.61 14.84 0.20
CA GLY A 176 -14.16 15.01 0.31
C GLY A 176 -13.44 13.86 0.97
N PRO A 177 -12.11 13.82 0.83
CA PRO A 177 -11.33 12.78 1.51
C PRO A 177 -11.25 13.07 3.02
N LEU A 178 -11.09 11.97 3.78
CA LEU A 178 -10.88 12.05 5.21
C LEU A 178 -9.39 12.17 5.45
N MET A 179 -8.95 13.22 6.15
CA MET A 179 -7.53 13.39 6.47
C MET A 179 -7.10 12.37 7.53
N SER A 180 -5.83 11.97 7.50
CA SER A 180 -5.45 10.78 8.26
C SER A 180 -5.64 10.95 9.78
N LEU A 181 -6.14 9.90 10.39
CA LEU A 181 -6.49 9.83 11.80
C LEU A 181 -5.58 8.82 12.48
N SER A 182 -4.83 9.23 13.47
CA SER A 182 -3.93 8.29 14.11
C SER A 182 -4.74 7.28 14.93
N MET A 183 -4.35 6.01 14.83
N MET A 183 -4.34 6.01 14.83
CA MET A 183 -4.98 4.98 15.64
CA MET A 183 -4.95 4.97 15.63
C MET A 183 -4.21 4.70 16.93
C MET A 183 -4.23 4.74 16.94
N VAL A 184 -3.12 5.43 17.18
CA VAL A 184 -2.27 5.18 18.34
C VAL A 184 -2.02 6.42 19.18
N GLY A 185 -2.27 7.62 18.68
CA GLY A 185 -2.21 8.83 19.48
C GLY A 185 -0.96 9.13 20.29
N ASN A 194 -9.87 2.43 23.25
CA ASN A 194 -11.00 1.97 22.44
C ASN A 194 -10.53 1.49 21.07
N PHE A 195 -9.75 2.33 20.38
CA PHE A 195 -9.10 1.95 19.12
C PHE A 195 -8.35 0.64 19.25
N LYS A 196 -8.19 0.15 20.47
CA LYS A 196 -7.52 -1.11 20.68
C LYS A 196 -8.16 -2.20 19.85
N GLU A 197 -9.49 -2.17 19.69
CA GLU A 197 -10.16 -3.20 18.91
C GLU A 197 -9.70 -3.20 17.46
N MET A 198 -9.45 -2.02 16.91
CA MET A 198 -8.92 -1.99 15.55
C MET A 198 -7.49 -2.50 15.48
N LEU A 199 -6.65 -2.15 16.45
CA LEU A 199 -5.28 -2.65 16.44
C LEU A 199 -5.24 -4.15 16.67
N ASP A 200 -6.12 -4.65 17.54
CA ASP A 200 -6.20 -6.10 17.75
C ASP A 200 -6.61 -6.81 16.48
N ALA A 201 -7.60 -6.28 15.75
CA ALA A 201 -8.01 -6.87 14.48
C ALA A 201 -6.85 -6.99 13.51
N LEU A 202 -6.08 -5.91 13.37
CA LEU A 202 -4.93 -5.95 12.46
C LEU A 202 -3.90 -6.95 12.94
N ASN A 203 -3.62 -6.93 14.23
CA ASN A 203 -2.68 -7.85 14.85
C ASN A 203 -2.98 -9.30 14.50
N ALA A 204 -4.25 -9.65 14.43
CA ALA A 204 -4.68 -11.01 14.19
C ALA A 204 -4.89 -11.35 12.71
N ALA A 205 -4.79 -10.36 11.82
CA ALA A 205 -5.08 -10.58 10.41
C ALA A 205 -3.91 -11.32 9.73
N PRO A 206 -4.15 -11.93 8.56
CA PRO A 206 -3.04 -12.58 7.82
C PRO A 206 -1.90 -11.62 7.57
N PHE A 207 -0.67 -12.12 7.73
CA PHE A 207 0.59 -11.47 7.38
C PHE A 207 1.03 -10.39 8.36
N LEU A 208 0.09 -9.70 9.02
CA LEU A 208 0.41 -8.39 9.60
C LEU A 208 1.09 -8.45 10.96
N GLY A 209 0.82 -9.48 11.76
CA GLY A 209 1.28 -9.55 13.13
C GLY A 209 2.76 -9.23 13.30
N PRO A 210 3.62 -9.94 12.58
CA PRO A 210 5.07 -9.69 12.69
C PRO A 210 5.52 -8.32 12.22
N ILE A 211 4.79 -7.65 11.34
CA ILE A 211 5.28 -6.40 10.80
C ILE A 211 4.45 -5.21 11.26
N MET A 212 3.67 -5.37 12.34
CA MET A 212 3.15 -4.19 13.00
C MET A 212 4.32 -3.44 13.60
N PRO A 213 4.14 -2.16 13.96
CA PRO A 213 5.30 -1.44 14.52
C PRO A 213 5.85 -2.13 15.76
N TRP A 214 4.99 -2.82 16.51
CA TRP A 214 5.34 -3.57 17.72
C TRP A 214 5.52 -5.06 17.48
N GLY A 215 5.54 -5.53 16.23
CA GLY A 215 5.62 -6.94 15.94
C GLY A 215 7.04 -7.53 15.98
N ASP A 216 7.09 -8.86 15.86
CA ASP A 216 8.32 -9.62 16.08
C ASP A 216 9.44 -9.21 15.14
N PHE A 217 9.11 -8.69 13.96
CA PHE A 217 10.13 -8.34 12.97
C PHE A 217 10.59 -6.89 13.12
N SER A 218 10.00 -6.14 14.03
CA SER A 218 10.31 -4.73 14.23
C SER A 218 11.45 -4.56 15.24
N GLU A 219 12.33 -3.59 14.99
CA GLU A 219 13.40 -3.28 15.93
C GLU A 219 12.94 -2.46 17.14
N VAL A 220 11.66 -2.08 17.21
CA VAL A 220 11.15 -1.33 18.36
C VAL A 220 10.15 -2.14 19.19
N THR A 227 7.53 6.48 19.76
CA THR A 227 7.52 6.11 18.34
C THR A 227 6.12 6.06 17.73
N SER A 228 5.15 6.73 18.34
CA SER A 228 3.79 6.77 17.79
C SER A 228 3.74 7.39 16.40
N ASP A 229 4.84 8.01 15.96
CA ASP A 229 4.90 8.54 14.61
C ASP A 229 4.74 7.45 13.56
N ASP A 230 5.00 6.19 13.91
CA ASP A 230 4.87 5.09 12.96
C ASP A 230 3.43 4.77 12.60
N GLY A 231 2.42 5.22 13.37
CA GLY A 231 1.06 4.82 13.07
C GLY A 231 0.72 3.53 13.80
N PRO A 232 -0.30 2.80 13.34
CA PRO A 232 -1.11 3.00 12.14
C PRO A 232 -1.96 4.28 12.12
N ILE A 233 -2.18 4.75 10.90
CA ILE A 233 -3.11 5.83 10.63
C ILE A 233 -4.18 5.34 9.67
N PHE A 234 -5.36 5.94 9.76
CA PHE A 234 -6.51 5.54 8.94
C PHE A 234 -6.92 6.73 8.09
N TRP A 235 -7.28 6.49 6.83
CA TRP A 235 -7.89 7.55 6.06
C TRP A 235 -8.78 6.98 4.97
N VAL A 236 -9.52 7.88 4.31
CA VAL A 236 -10.51 7.49 3.30
C VAL A 236 -10.37 8.45 2.13
N ARG A 237 -10.32 7.89 0.91
CA ARG A 237 -10.26 8.66 -0.32
C ARG A 237 -11.49 8.36 -1.17
N PRO A 238 -12.10 9.36 -1.82
CA PRO A 238 -13.38 9.12 -2.51
C PRO A 238 -13.25 8.65 -3.95
N GLY A 239 -12.06 8.74 -4.54
CA GLY A 239 -11.85 8.30 -5.92
C GLY A 239 -11.85 9.46 -6.89
N GLU A 240 -10.98 9.41 -7.90
CA GLU A 240 -10.94 10.48 -8.91
C GLU A 240 -12.28 10.57 -9.59
N GLN A 241 -12.71 11.80 -9.91
CA GLN A 241 -14.06 11.95 -10.42
C GLN A 241 -14.18 13.37 -10.91
N MET A 242 -15.14 13.61 -11.78
CA MET A 242 -15.45 14.96 -12.23
C MET A 242 -16.47 15.55 -11.28
N VAL A 243 -16.32 16.83 -10.98
CA VAL A 243 -17.18 17.44 -9.97
C VAL A 243 -17.82 18.68 -10.58
N PRO A 244 -19.15 18.85 -10.47
CA PRO A 244 -19.89 20.00 -11.00
C PRO A 244 -19.96 21.17 -10.02
N GLU A 267 -18.17 21.35 -14.93
CA GLU A 267 -17.44 20.21 -14.33
C GLU A 267 -15.91 20.39 -14.27
N THR A 268 -15.29 19.88 -13.21
CA THR A 268 -13.84 19.89 -13.13
C THR A 268 -13.34 18.64 -12.43
N ALA A 269 -12.13 18.22 -12.78
CA ALA A 269 -11.59 16.97 -12.24
C ALA A 269 -11.23 17.15 -10.77
N PHE A 270 -11.59 16.15 -9.93
CA PHE A 270 -10.95 15.99 -8.63
C PHE A 270 -9.87 14.93 -8.82
N ASN A 271 -8.61 15.35 -8.73
CA ASN A 271 -7.47 14.44 -8.82
C ASN A 271 -7.20 13.89 -7.44
N ASP A 272 -7.10 12.56 -7.33
CA ASP A 272 -7.09 11.91 -6.00
C ASP A 272 -5.74 11.22 -5.93
N ARG A 273 -4.72 11.93 -5.45
N ARG A 273 -4.73 11.94 -5.43
CA ARG A 273 -3.35 11.50 -5.70
CA ARG A 273 -3.32 11.69 -5.76
C ARG A 273 -2.42 11.92 -4.58
C ARG A 273 -2.41 11.96 -4.57
N THR A 274 -1.37 11.12 -4.41
CA THR A 274 -0.26 11.34 -3.49
C THR A 274 1.00 11.42 -4.37
N ASN A 275 1.71 12.54 -4.33
CA ASN A 275 2.91 12.66 -5.17
C ASN A 275 3.99 11.70 -4.71
N ALA A 276 4.98 11.53 -5.58
CA ALA A 276 6.06 10.59 -5.32
C ALA A 276 6.82 10.96 -4.05
N HIS A 277 7.07 9.95 -3.21
CA HIS A 277 7.83 10.16 -2.00
C HIS A 277 8.51 8.86 -1.59
N ALA A 278 9.47 9.00 -0.66
CA ALA A 278 10.00 7.88 0.12
C ALA A 278 9.51 8.02 1.56
N ASP A 279 9.05 6.93 2.15
CA ASP A 279 8.61 6.97 3.55
C ASP A 279 9.79 6.98 4.49
N GLN A 280 9.65 7.73 5.61
CA GLN A 280 10.76 7.99 6.50
C GLN A 280 10.28 8.02 7.95
N VAL A 281 11.15 7.62 8.86
CA VAL A 281 11.04 7.99 10.27
C VAL A 281 11.65 9.37 10.40
N ARG A 282 10.88 10.34 10.91
CA ARG A 282 11.39 11.72 10.99
C ARG A 282 11.45 12.21 12.43
N VAL A 319 16.28 11.79 10.26
CA VAL A 319 15.54 11.17 9.14
C VAL A 319 16.21 9.85 8.68
N LYS A 320 15.44 8.76 8.74
CA LYS A 320 15.88 7.45 8.28
C LYS A 320 14.78 6.84 7.41
N SER A 321 15.17 6.19 6.32
N SER A 321 15.17 6.18 6.33
CA SER A 321 14.17 5.51 5.50
CA SER A 321 14.17 5.51 5.50
C SER A 321 13.51 4.39 6.31
C SER A 321 13.55 4.33 6.25
N THR A 322 12.31 4.00 5.90
CA THR A 322 11.59 2.96 6.60
C THR A 322 10.72 2.17 5.64
N ALA A 323 10.33 0.96 6.06
CA ALA A 323 9.32 0.22 5.31
C ALA A 323 7.93 0.76 5.65
N ALA A 324 7.00 0.58 4.71
CA ALA A 324 5.60 0.94 4.92
C ALA A 324 4.72 -0.28 4.60
N VAL A 325 3.61 -0.40 5.33
CA VAL A 325 2.70 -1.54 5.18
C VAL A 325 1.32 -0.94 5.13
N GLY A 326 0.45 -1.41 4.21
CA GLY A 326 -0.89 -0.88 4.11
C GLY A 326 -1.95 -1.94 3.89
N VAL A 327 -3.20 -1.55 4.23
CA VAL A 327 -4.37 -2.41 4.13
C VAL A 327 -5.47 -1.60 3.44
N LEU A 328 -6.07 -2.17 2.39
CA LEU A 328 -7.07 -1.46 1.58
C LEU A 328 -8.44 -2.11 1.70
N GLN A 329 -9.48 -1.31 1.95
CA GLN A 329 -10.87 -1.80 1.94
C GLN A 329 -11.67 -0.89 1.02
N GLY A 330 -12.46 -1.49 0.13
CA GLY A 330 -13.38 -0.68 -0.67
C GLY A 330 -14.49 -0.11 0.19
N ILE A 331 -15.01 1.06 -0.19
CA ILE A 331 -16.10 1.69 0.56
C ILE A 331 -17.40 1.04 0.10
N ARG A 332 -18.15 0.51 1.03
CA ARG A 332 -19.39 -0.17 0.67
C ARG A 332 -20.47 0.20 1.67
N ASN A 333 -21.69 0.31 1.17
CA ASN A 333 -22.80 0.62 2.05
C ASN A 333 -23.41 -0.70 2.49
N PRO A 334 -23.35 -1.06 3.78
CA PRO A 334 -23.97 -2.29 4.31
C PRO A 334 -25.50 -2.35 4.12
N TYR A 342 -20.78 -11.58 -5.03
CA TYR A 342 -19.41 -11.01 -4.98
C TYR A 342 -18.38 -11.99 -5.51
N TYR A 343 -17.67 -11.60 -6.57
CA TYR A 343 -16.60 -12.42 -7.12
C TYR A 343 -15.29 -11.71 -6.88
N GLU A 344 -14.41 -12.33 -6.07
CA GLU A 344 -13.16 -11.64 -5.73
C GLU A 344 -12.37 -11.27 -6.97
N ASP A 345 -12.46 -12.07 -8.03
CA ASP A 345 -11.66 -11.77 -9.20
C ASP A 345 -12.14 -10.53 -9.92
N GLU A 346 -13.37 -10.09 -9.65
CA GLU A 346 -13.88 -8.84 -10.19
C GLU A 346 -13.87 -7.70 -9.18
N ARG A 347 -13.22 -7.84 -8.03
CA ARG A 347 -13.25 -6.78 -7.03
C ARG A 347 -12.52 -5.53 -7.55
N LYS A 348 -12.94 -4.35 -7.09
CA LYS A 348 -12.49 -3.13 -7.76
C LYS A 348 -11.01 -2.86 -7.57
N ALA A 349 -10.38 -2.31 -8.61
CA ALA A 349 -9.07 -1.68 -8.45
C ALA A 349 -9.28 -0.38 -7.67
N VAL A 350 -8.50 -0.18 -6.60
CA VAL A 350 -8.68 1.02 -5.79
C VAL A 350 -7.50 1.99 -5.88
N LYS A 351 -6.28 1.51 -6.10
CA LYS A 351 -5.12 2.38 -6.32
C LYS A 351 -4.42 1.98 -7.58
N GLU A 352 -3.93 2.97 -8.32
CA GLU A 352 -2.86 2.75 -9.31
C GLU A 352 -1.55 3.23 -8.70
N VAL A 353 -0.52 2.39 -8.76
N VAL A 353 -0.53 2.37 -8.65
CA VAL A 353 0.70 2.54 -7.99
CA VAL A 353 0.69 2.70 -7.94
C VAL A 353 1.88 2.60 -8.95
C VAL A 353 1.88 2.58 -8.86
N ILE A 354 2.80 3.52 -8.72
CA ILE A 354 4.10 3.48 -9.39
C ILE A 354 5.13 3.31 -8.28
N VAL A 355 5.98 2.27 -8.36
CA VAL A 355 7.07 2.10 -7.41
C VAL A 355 8.39 2.08 -8.18
N PHE A 356 9.41 2.68 -7.60
CA PHE A 356 10.72 2.66 -8.21
C PHE A 356 11.60 1.69 -7.46
N ASP A 357 12.46 0.97 -8.20
CA ASP A 357 13.44 0.11 -7.57
C ASP A 357 14.25 0.89 -6.52
N ALA A 358 14.45 0.28 -5.34
CA ALA A 358 15.21 0.92 -4.28
C ALA A 358 16.63 1.21 -4.70
N HIS A 359 17.16 0.42 -5.64
N HIS A 359 17.18 0.41 -5.63
CA HIS A 359 18.50 0.65 -6.16
CA HIS A 359 18.51 0.69 -6.13
C HIS A 359 18.63 1.98 -6.88
C HIS A 359 18.61 2.07 -6.76
N ASP A 360 17.52 2.52 -7.36
CA ASP A 360 17.50 3.75 -8.13
C ASP A 360 17.02 4.97 -7.33
N LEU A 361 17.00 4.87 -5.98
CA LEU A 361 16.58 5.99 -5.13
C LEU A 361 17.19 7.31 -5.57
N HIS A 362 18.52 7.36 -5.69
CA HIS A 362 19.15 8.66 -5.94
C HIS A 362 18.92 9.12 -7.39
N LYS A 363 18.92 8.19 -8.35
CA LYS A 363 18.64 8.57 -9.75
C LYS A 363 17.24 9.14 -9.88
N VAL A 364 16.27 8.46 -9.28
CA VAL A 364 14.88 8.92 -9.32
C VAL A 364 14.74 10.28 -8.62
N ALA A 365 15.28 10.41 -7.42
CA ALA A 365 15.18 11.68 -6.71
C ALA A 365 15.80 12.81 -7.53
N HIS A 366 16.96 12.56 -8.16
CA HIS A 366 17.58 13.61 -8.96
C HIS A 366 16.76 13.93 -10.21
N HIS A 367 16.24 12.89 -10.88
CA HIS A 367 15.43 13.12 -12.08
C HIS A 367 14.18 13.95 -11.78
N LEU A 368 13.53 13.67 -10.66
CA LEU A 368 12.29 14.35 -10.28
C LEU A 368 12.53 15.58 -9.42
N ALA A 369 13.79 15.94 -9.21
CA ALA A 369 14.17 17.11 -8.39
C ALA A 369 13.54 17.04 -7.00
N MET A 370 13.54 15.85 -6.43
CA MET A 370 12.96 15.65 -5.11
C MET A 370 13.94 16.08 -4.03
N ASP A 371 13.39 16.61 -2.95
CA ASP A 371 14.19 16.91 -1.78
C ASP A 371 13.71 15.92 -0.73
N LEU A 372 14.50 14.87 -0.49
CA LEU A 372 14.10 13.83 0.44
C LEU A 372 14.16 14.31 1.89
N TYR A 373 14.78 15.46 2.14
CA TYR A 373 14.70 16.08 3.46
C TYR A 373 13.30 16.64 3.73
N GLU A 374 12.57 17.05 2.69
CA GLU A 374 11.19 17.47 2.87
C GLU A 374 10.36 16.32 3.45
N PRO A 375 9.26 16.62 4.14
CA PRO A 375 8.30 15.56 4.44
C PRO A 375 7.67 15.08 3.16
N PRO A 376 7.22 13.82 3.12
CA PRO A 376 6.63 13.25 1.91
C PRO A 376 5.72 14.15 1.11
N VAL A 377 4.87 14.93 1.80
CA VAL A 377 3.87 15.71 1.09
C VAL A 377 4.50 16.72 0.16
N SER A 378 5.71 17.20 0.49
CA SER A 378 6.36 18.22 -0.32
C SER A 378 7.69 17.74 -0.89
N GLN A 379 7.90 16.43 -1.00
CA GLN A 379 9.16 15.92 -1.56
C GLN A 379 9.21 16.08 -3.07
N CYS A 380 8.08 15.94 -3.76
CA CYS A 380 8.07 15.96 -5.22
C CYS A 380 6.94 16.86 -5.69
N HIS A 381 7.25 17.78 -6.60
CA HIS A 381 6.24 18.71 -7.12
C HIS A 381 5.86 18.42 -8.57
N ARG A 382 6.25 17.26 -9.07
CA ARG A 382 5.93 16.80 -10.41
C ARG A 382 5.13 15.51 -10.35
N TRP A 383 3.99 15.46 -11.04
CA TRP A 383 3.26 14.20 -11.15
C TRP A 383 3.94 13.26 -12.15
N VAL A 384 4.20 12.00 -11.79
CA VAL A 384 4.84 11.04 -12.69
C VAL A 384 3.76 10.38 -13.55
N ASP A 385 3.89 10.53 -14.86
CA ASP A 385 3.00 9.89 -15.81
C ASP A 385 3.86 9.03 -16.75
N ASP A 386 3.23 8.41 -17.76
CA ASP A 386 4.00 7.50 -18.62
C ASP A 386 5.07 8.22 -19.45
N ALA A 387 4.83 9.49 -19.84
CA ALA A 387 5.86 10.24 -20.55
C ALA A 387 7.13 10.35 -19.71
N ILE A 388 6.96 10.67 -18.43
CA ILE A 388 8.10 10.78 -17.54
C ILE A 388 8.73 9.42 -17.31
N LEU A 389 7.91 8.37 -17.10
CA LEU A 389 8.47 7.04 -16.85
C LEU A 389 9.31 6.58 -18.02
N ASN A 390 8.80 6.78 -19.25
CA ASN A 390 9.58 6.38 -20.42
C ASN A 390 10.88 7.19 -20.53
N THR A 391 10.85 8.47 -20.18
CA THR A 391 12.10 9.23 -20.21
C THR A 391 13.08 8.76 -19.13
N MET A 392 12.57 8.48 -17.94
CA MET A 392 13.40 7.97 -16.84
C MET A 392 14.03 6.62 -17.19
N ARG A 393 13.28 5.76 -17.91
CA ARG A 393 13.81 4.45 -18.29
C ARG A 393 15.09 4.59 -19.11
N ARG A 394 15.19 5.66 -19.89
CA ARG A 394 16.41 5.81 -20.70
C ARG A 394 17.65 6.06 -19.86
N GLU A 395 17.48 6.46 -18.61
CA GLU A 395 18.56 6.59 -17.65
C GLU A 395 18.85 5.28 -16.93
N GLY A 396 18.18 4.20 -17.29
CA GLY A 396 18.37 2.94 -16.62
C GLY A 396 17.57 2.77 -15.35
N ILE A 397 16.68 3.71 -15.02
CA ILE A 397 15.82 3.59 -13.83
C ILE A 397 14.82 2.47 -14.04
N ARG A 398 14.59 1.65 -13.02
CA ARG A 398 13.62 0.58 -13.04
CA ARG A 398 13.60 0.60 -13.07
C ARG A 398 12.40 0.95 -12.19
N TYR A 399 11.22 0.53 -12.65
CA TYR A 399 9.98 0.84 -11.95
C TYR A 399 8.98 -0.26 -12.21
N ALA A 400 7.88 -0.23 -11.45
CA ALA A 400 6.73 -1.05 -11.77
C ALA A 400 5.50 -0.17 -11.66
N LYS A 401 4.52 -0.44 -12.50
CA LYS A 401 3.20 0.19 -12.39
C LYS A 401 2.19 -0.93 -12.25
N LEU A 402 1.24 -0.80 -11.30
CA LEU A 402 0.28 -1.89 -11.09
C LEU A 402 -0.93 -1.31 -10.40
N GLU A 403 -2.03 -2.07 -10.41
CA GLU A 403 -3.19 -1.71 -9.60
C GLU A 403 -3.24 -2.54 -8.33
N LEU A 404 -3.68 -1.91 -7.24
CA LEU A 404 -4.00 -2.62 -6.02
C LEU A 404 -5.51 -2.65 -5.93
N HIS A 405 -6.06 -3.76 -5.42
CA HIS A 405 -7.50 -3.97 -5.40
C HIS A 405 -8.00 -3.99 -3.98
N GLU A 406 -9.34 -3.84 -3.87
CA GLU A 406 -9.93 -3.89 -2.56
C GLU A 406 -9.59 -5.20 -1.86
N ASN A 407 -9.38 -5.10 -0.56
CA ASN A 407 -9.06 -6.22 0.37
C ASN A 407 -7.61 -6.65 0.21
N ASP A 408 -6.81 -5.94 -0.57
CA ASP A 408 -5.39 -6.27 -0.66
C ASP A 408 -4.63 -5.65 0.50
N MET A 409 -3.58 -6.33 0.93
CA MET A 409 -2.54 -5.74 1.74
C MET A 409 -1.30 -5.51 0.87
N TYR A 410 -0.43 -4.58 1.29
CA TYR A 410 0.79 -4.36 0.51
C TYR A 410 1.89 -3.91 1.46
N PHE A 411 3.15 -4.02 1.00
CA PHE A 411 4.22 -3.38 1.74
C PHE A 411 5.27 -2.84 0.75
N LEU A 412 5.94 -1.80 1.18
CA LEU A 412 6.89 -1.05 0.36
C LEU A 412 8.22 -1.07 1.11
N PRO A 413 9.24 -1.79 0.64
CA PRO A 413 10.51 -1.78 1.36
C PRO A 413 11.11 -0.37 1.41
N ARG A 414 12.04 -0.19 2.35
CA ARG A 414 12.68 1.11 2.51
C ARG A 414 13.36 1.53 1.20
N ASN A 415 13.36 2.84 0.96
CA ASN A 415 14.02 3.51 -0.17
C ASN A 415 13.35 3.23 -1.52
N VAL A 416 12.15 2.65 -1.55
CA VAL A 416 11.30 2.58 -2.72
C VAL A 416 10.50 3.88 -2.79
N ILE A 417 10.86 4.74 -3.73
CA ILE A 417 10.06 5.92 -4.00
C ILE A 417 8.77 5.46 -4.67
N HIS A 418 7.63 5.99 -4.21
CA HIS A 418 6.38 5.50 -4.78
C HIS A 418 5.34 6.61 -4.87
N GLN A 419 4.35 6.36 -5.74
CA GLN A 419 3.32 7.35 -6.03
C GLN A 419 2.00 6.61 -6.17
N PHE A 420 0.95 7.07 -5.46
CA PHE A 420 -0.34 6.39 -5.46
C PHE A 420 -1.42 7.30 -6.05
N ARG A 421 -2.35 6.71 -6.80
CA ARG A 421 -3.49 7.44 -7.32
C ARG A 421 -4.75 6.63 -6.96
N THR A 422 -5.77 7.28 -6.39
CA THR A 422 -6.97 6.54 -5.98
C THR A 422 -8.01 6.50 -7.09
N VAL A 423 -8.26 5.30 -7.63
CA VAL A 423 -9.17 5.16 -8.76
C VAL A 423 -10.54 4.64 -8.36
N SER A 424 -10.71 4.19 -7.12
CA SER A 424 -12.05 3.88 -6.61
C SER A 424 -12.06 4.22 -5.12
N ALA A 425 -13.24 4.54 -4.58
CA ALA A 425 -13.33 4.90 -3.16
C ALA A 425 -12.78 3.80 -2.26
N CYS A 426 -11.96 4.18 -1.28
N CYS A 426 -11.87 4.15 -1.36
CA CYS A 426 -11.13 3.20 -0.58
CA CYS A 426 -11.37 3.12 -0.46
C CYS A 426 -10.67 3.71 0.78
C CYS A 426 -10.94 3.76 0.84
N SER A 427 -10.77 2.88 1.84
CA SER A 427 -10.11 3.26 3.07
C SER A 427 -8.71 2.63 3.07
N SER A 428 -7.78 3.30 3.73
CA SER A 428 -6.45 2.72 3.93
C SER A 428 -6.12 2.75 5.40
N VAL A 429 -5.42 1.72 5.86
CA VAL A 429 -4.76 1.77 7.16
C VAL A 429 -3.29 1.50 6.87
N ALA A 430 -2.40 2.38 7.33
CA ALA A 430 -1.00 2.18 6.95
C ALA A 430 -0.09 2.61 8.09
N TRP A 431 1.15 2.08 8.07
CA TRP A 431 2.10 2.38 9.14
C TRP A 431 3.51 2.15 8.64
N HIS A 432 4.46 2.59 9.45
CA HIS A 432 5.86 2.33 9.15
C HIS A 432 6.35 1.23 10.07
N VAL A 433 7.29 0.43 9.58
CA VAL A 433 7.86 -0.61 10.42
C VAL A 433 9.36 -0.58 10.22
N ARG A 434 10.08 -0.44 11.32
CA ARG A 434 11.53 -0.33 11.31
C ARG A 434 12.06 -1.74 11.48
N LEU A 435 12.24 -2.44 10.38
CA LEU A 435 12.53 -3.88 10.45
C LEU A 435 13.83 -4.25 11.22
C1 AKG B . 2.24 4.26 1.67
O1 AKG B . 3.45 4.44 2.13
O2 AKG B . 1.60 3.27 2.11
C2 AKG B . 1.55 5.23 0.68
O5 AKG B . 2.14 6.09 0.11
C3 AKG B . 0.03 5.26 0.47
C4 AKG B . -0.24 6.56 -0.31
C5 AKG B . -1.70 6.47 -0.71
O3 AKG B . -2.34 7.39 -1.31
O4 AKG B . -2.26 5.43 -0.47
FE FE2 C . 4.19 6.19 1.16
C5 PG0 D . 2.98 9.64 10.07
O2 PG0 D . 2.30 8.42 10.00
C4 PG0 D . 3.14 7.36 9.65
C3 PG0 D . 2.37 6.26 8.95
O1 PG0 D . 2.30 6.57 7.58
C2 PG0 D . 2.05 5.42 6.83
C1 PG0 D . 2.30 5.69 5.36
OTT PG0 D . 1.43 6.71 4.91
C5 PG0 E . 10.70 -15.75 8.72
O2 PG0 E . 10.49 -16.91 9.48
C4 PG0 E . 9.99 -16.63 10.75
C3 PG0 E . 9.83 -17.95 11.51
O1 PG0 E . 9.59 -18.98 10.60
C2 PG0 E . 8.36 -19.62 10.77
C1 PG0 E . 7.86 -20.09 9.42
OTT PG0 E . 8.60 -21.19 8.97
#